data_8S47
#
_entry.id   8S47
#
_cell.length_a   44.220
_cell.length_b   65.070
_cell.length_c   130.330
_cell.angle_alpha   90.00
_cell.angle_beta   90.00
_cell.angle_gamma   90.00
#
_symmetry.space_group_name_H-M   'P 21 21 21'
#
loop_
_entity.id
_entity.type
_entity.pdbx_description
1 polymer 'Diadenylate cyclase'
2 non-polymer N-(pyridin-2-yl)-2-(1,3,5-trimethyl-1H-pyrazol-4-yl)acetamide
3 non-polymer 'CHLORIDE ION'
4 water water
#
_entity_poly.entity_id   1
_entity_poly.type   'polypeptide(L)'
_entity_poly.pdbx_seq_one_letter_code
;GPLGSYGSRIEREQHHLIESIEKSTQYMAKRRIGALISVARDTGMDDYIETGIPLNAKISSQLLINIFIPNTPLHDGAVI
IKGNEIASAASYLPLSDSPFLSKELGTRHRAALGISEVTDSITIVVSEETGGISLTKGGELFRDVSEEELHKILLKELVT
VTAKKPSIFSKWKGGKSE
;
_entity_poly.pdbx_strand_id   A,B
#
# COMPACT_ATOMS: atom_id res chain seq x y z
N GLY A 7 16.95 -21.49 -0.56
CA GLY A 7 17.44 -22.01 0.71
C GLY A 7 17.89 -20.91 1.66
N SER A 8 18.94 -20.19 1.28
CA SER A 8 19.39 -19.05 2.04
C SER A 8 18.70 -17.76 1.61
N ARG A 9 18.16 -17.70 0.40
CA ARG A 9 17.40 -16.53 -0.04
C ARG A 9 16.12 -16.39 0.77
N ILE A 10 15.44 -17.50 1.05
CA ILE A 10 14.22 -17.44 1.85
C ILE A 10 14.53 -17.04 3.29
N GLU A 11 15.70 -17.43 3.81
CA GLU A 11 16.07 -17.03 5.16
C GLU A 11 16.29 -15.53 5.25
N ARG A 12 16.84 -14.92 4.20
CA ARG A 12 16.97 -13.47 4.17
C ARG A 12 15.60 -12.80 4.07
N GLU A 13 14.67 -13.43 3.33
CA GLU A 13 13.32 -12.88 3.21
C GLU A 13 12.59 -12.93 4.54
N GLN A 14 12.78 -14.00 5.31
CA GLN A 14 12.07 -14.15 6.58
C GLN A 14 12.55 -13.11 7.59
N HIS A 15 13.86 -12.85 7.65
CA HIS A 15 14.37 -11.81 8.54
C HIS A 15 13.87 -10.43 8.11
N HIS A 16 13.77 -10.20 6.80
CA HIS A 16 13.18 -8.96 6.32
C HIS A 16 11.70 -8.88 6.72
N LEU A 17 11.00 -10.01 6.67
CA LEU A 17 9.63 -10.05 7.16
C LEU A 17 9.56 -9.71 8.64
N ILE A 18 10.47 -10.28 9.43
CA ILE A 18 10.50 -9.99 10.86
C ILE A 18 10.79 -8.52 11.11
N GLU A 19 11.82 -7.99 10.43
CA GLU A 19 12.18 -6.59 10.62
C GLU A 19 11.05 -5.66 10.15
N SER A 20 10.35 -6.06 9.09
CA SER A 20 9.23 -5.25 8.61
C SER A 20 8.09 -5.21 9.63
N ILE A 21 7.84 -6.33 10.29
CA ILE A 21 6.79 -6.37 11.31
C ILE A 21 7.19 -5.53 12.52
N GLU A 22 8.46 -5.64 12.95
CA GLU A 22 8.91 -4.93 14.13
C GLU A 22 8.84 -3.42 13.91
N LYS A 23 9.34 -2.94 12.77
CA LYS A 23 9.36 -1.50 12.52
C LYS A 23 7.95 -0.93 12.39
N SER A 24 7.08 -1.63 11.66
CA SER A 24 5.73 -1.11 11.46
C SER A 24 4.92 -1.12 12.75
N THR A 25 5.06 -2.17 13.55
CA THR A 25 4.32 -2.23 14.82
C THR A 25 4.81 -1.17 15.79
N GLN A 26 6.12 -0.89 15.80
CA GLN A 26 6.64 0.16 16.67
C GLN A 26 6.08 1.52 16.27
N TYR A 27 6.05 1.81 14.97
CA TYR A 27 5.47 3.06 14.49
C TYR A 27 4.00 3.17 14.88
N MET A 28 3.23 2.09 14.71
CA MET A 28 1.80 2.16 14.99
C MET A 28 1.52 2.14 16.49
N ALA A 29 2.38 1.48 17.28
CA ALA A 29 2.18 1.45 18.73
C ALA A 29 2.35 2.84 19.34
N LYS A 30 3.36 3.59 18.88
CA LYS A 30 3.57 4.94 19.38
C LYS A 30 2.37 5.84 19.13
N ARG A 31 1.66 5.62 18.02
CA ARG A 31 0.54 6.45 17.62
C ARG A 31 -0.81 5.83 17.95
N ARG A 32 -0.83 4.69 18.64
CA ARG A 32 -2.07 3.99 18.99
C ARG A 32 -2.92 3.71 17.76
N ILE A 33 -2.27 3.25 16.69
CA ILE A 33 -2.94 2.87 15.46
C ILE A 33 -3.19 1.37 15.49
N GLY A 34 -4.45 0.98 15.49
CA GLY A 34 -4.78 -0.44 15.53
C GLY A 34 -4.30 -1.16 14.28
N ALA A 35 -3.85 -2.39 14.47
CA ALA A 35 -3.32 -3.18 13.37
C ALA A 35 -3.57 -4.66 13.63
N LEU A 36 -3.62 -5.44 12.54
CA LEU A 36 -3.86 -6.87 12.62
C LEU A 36 -3.14 -7.51 11.44
N ILE A 37 -2.06 -8.23 11.73
CA ILE A 37 -1.19 -8.81 10.71
C ILE A 37 -1.09 -10.32 10.96
N SER A 38 -1.53 -11.12 9.99
CA SER A 38 -1.54 -12.58 10.12
C SER A 38 -0.60 -13.17 9.09
N VAL A 39 0.37 -13.94 9.55
CA VAL A 39 1.38 -14.55 8.69
C VAL A 39 1.05 -16.03 8.54
N ALA A 40 0.67 -16.43 7.33
CA ALA A 40 0.30 -17.82 7.08
C ALA A 40 1.55 -18.71 7.09
N ARG A 41 1.33 -20.00 7.33
CA ARG A 41 2.40 -20.98 7.34
C ARG A 41 2.02 -22.21 6.54
N ASP A 42 2.14 -23.40 7.14
CA ASP A 42 1.76 -24.63 6.46
C ASP A 42 0.28 -24.61 6.07
N THR A 43 -0.60 -24.33 7.03
CA THR A 43 -2.02 -24.24 6.75
C THR A 43 -2.30 -23.00 5.93
N GLY A 44 -2.79 -23.19 4.70
CA GLY A 44 -3.08 -22.07 3.84
C GLY A 44 -4.27 -21.27 4.36
N MET A 45 -4.17 -19.95 4.23
CA MET A 45 -5.26 -19.04 4.58
C MET A 45 -5.90 -18.45 3.33
N ASP A 46 -5.98 -19.24 2.25
CA ASP A 46 -6.40 -18.72 0.96
C ASP A 46 -7.85 -18.26 0.98
N ASP A 47 -8.71 -18.91 1.77
CA ASP A 47 -10.10 -18.51 1.85
C ASP A 47 -10.27 -17.13 2.47
N TYR A 48 -9.42 -16.78 3.44
CA TYR A 48 -9.52 -15.48 4.07
C TYR A 48 -8.83 -14.39 3.26
N ILE A 49 -7.80 -14.76 2.49
CA ILE A 49 -7.18 -13.81 1.55
C ILE A 49 -8.21 -13.32 0.55
N GLU A 50 -9.12 -14.20 0.14
CA GLU A 50 -10.13 -13.84 -0.84
C GLU A 50 -11.18 -12.87 -0.30
N THR A 51 -11.28 -12.74 1.02
CA THR A 51 -12.25 -11.82 1.61
C THR A 51 -11.78 -10.37 1.57
N GLY A 52 -10.48 -10.14 1.44
CA GLY A 52 -9.93 -8.80 1.48
C GLY A 52 -9.60 -8.26 0.09
N ILE A 53 -8.97 -7.09 0.10
CA ILE A 53 -8.55 -6.43 -1.13
C ILE A 53 -7.17 -6.97 -1.51
N PRO A 54 -7.00 -7.56 -2.70
CA PRO A 54 -5.72 -8.19 -3.03
C PRO A 54 -4.64 -7.17 -3.36
N LEU A 55 -3.46 -7.39 -2.79
CA LEU A 55 -2.30 -6.54 -3.03
C LEU A 55 -1.18 -7.29 -3.76
N ASN A 56 -0.81 -8.48 -3.29
CA ASN A 56 0.27 -9.26 -3.88
C ASN A 56 1.55 -8.43 -3.97
N ALA A 57 1.83 -7.69 -2.90
CA ALA A 57 2.87 -6.67 -2.90
C ALA A 57 4.10 -7.15 -2.13
N LYS A 58 5.24 -6.52 -2.44
CA LYS A 58 6.46 -6.78 -1.69
C LYS A 58 6.29 -6.35 -0.25
N ILE A 59 6.96 -7.06 0.66
CA ILE A 59 6.85 -6.80 2.08
C ILE A 59 7.76 -5.63 2.45
N SER A 60 7.20 -4.65 3.16
CA SER A 60 7.96 -3.53 3.65
C SER A 60 7.23 -2.92 4.84
N SER A 61 8.01 -2.37 5.78
CA SER A 61 7.41 -1.67 6.90
C SER A 61 6.62 -0.46 6.43
N GLN A 62 7.10 0.20 5.37
CA GLN A 62 6.42 1.38 4.86
C GLN A 62 5.00 1.05 4.37
N LEU A 63 4.86 -0.03 3.60
CA LEU A 63 3.53 -0.40 3.10
C LEU A 63 2.62 -0.85 4.23
N LEU A 64 3.15 -1.61 5.20
CA LEU A 64 2.35 -2.04 6.34
C LEU A 64 1.79 -0.84 7.09
N ILE A 65 2.62 0.20 7.29
CA ILE A 65 2.16 1.40 7.98
C ILE A 65 1.06 2.09 7.18
N ASN A 66 1.28 2.28 5.88
CA ASN A 66 0.30 3.00 5.05
C ASN A 66 -1.03 2.25 4.99
N ILE A 67 -1.01 0.93 5.11
CA ILE A 67 -2.24 0.16 5.03
C ILE A 67 -3.15 0.49 6.22
N PHE A 68 -2.59 0.56 7.42
CA PHE A 68 -3.38 0.65 8.64
C PHE A 68 -3.67 2.09 9.07
N ILE A 69 -3.40 3.08 8.22
CA ILE A 69 -3.78 4.45 8.56
C ILE A 69 -5.29 4.52 8.74
N PRO A 70 -5.80 5.08 9.83
CA PRO A 70 -7.24 5.03 10.09
C PRO A 70 -8.05 5.75 9.02
N ASN A 71 -9.27 5.25 8.81
CA ASN A 71 -10.24 5.85 7.90
C ASN A 71 -9.71 5.90 6.46
N THR A 72 -8.98 4.86 6.08
CA THR A 72 -8.47 4.67 4.74
C THR A 72 -9.06 3.39 4.15
N PRO A 73 -9.09 3.26 2.82
CA PRO A 73 -9.75 2.09 2.21
C PRO A 73 -9.19 0.74 2.65
N LEU A 74 -7.94 0.66 3.11
CA LEU A 74 -7.30 -0.62 3.35
C LEU A 74 -7.18 -1.00 4.83
N HIS A 75 -7.61 -0.12 5.75
CA HIS A 75 -7.29 -0.32 7.16
C HIS A 75 -8.27 -1.23 7.90
N ASP A 76 -9.51 -1.32 7.45
CA ASP A 76 -10.57 -1.98 8.21
C ASP A 76 -10.52 -3.48 7.96
N GLY A 77 -9.62 -4.15 8.66
CA GLY A 77 -9.49 -5.59 8.55
C GLY A 77 -8.07 -6.03 8.83
N ALA A 78 -7.76 -7.24 8.37
CA ALA A 78 -6.48 -7.87 8.63
C ALA A 78 -5.63 -7.88 7.36
N VAL A 79 -4.33 -7.69 7.53
CA VAL A 79 -3.36 -7.96 6.49
C VAL A 79 -2.91 -9.41 6.61
N ILE A 80 -2.95 -10.14 5.50
CA ILE A 80 -2.49 -11.52 5.46
C ILE A 80 -1.23 -11.59 4.62
N ILE A 81 -0.16 -12.15 5.20
CA ILE A 81 1.11 -12.32 4.52
C ILE A 81 1.27 -13.80 4.19
N LYS A 82 1.41 -14.11 2.91
CA LYS A 82 1.56 -15.48 2.45
C LYS A 82 2.86 -15.60 1.65
N GLY A 83 3.69 -16.55 2.04
CA GLY A 83 4.98 -16.70 1.40
C GLY A 83 5.87 -15.49 1.64
N ASN A 84 6.17 -14.76 0.58
CA ASN A 84 6.99 -13.55 0.65
C ASN A 84 6.25 -12.35 0.06
N GLU A 85 4.95 -12.28 0.30
CA GLU A 85 4.12 -11.20 -0.21
C GLU A 85 3.09 -10.79 0.82
N ILE A 86 2.71 -9.52 0.77
CA ILE A 86 1.50 -9.05 1.44
C ILE A 86 0.33 -9.43 0.52
N ALA A 87 -0.35 -10.53 0.84
CA ALA A 87 -1.35 -11.07 -0.07
C ALA A 87 -2.57 -10.16 -0.15
N SER A 88 -3.10 -9.73 0.99
CA SER A 88 -4.32 -8.96 1.00
C SER A 88 -4.36 -8.03 2.21
N ALA A 89 -5.21 -7.02 2.11
CA ALA A 89 -5.54 -6.15 3.23
C ALA A 89 -7.06 -6.12 3.37
N ALA A 90 -7.52 -5.62 4.52
CA ALA A 90 -8.94 -5.57 4.86
C ALA A 90 -9.60 -6.95 4.82
N SER A 91 -8.82 -8.01 4.96
CA SER A 91 -9.39 -9.36 5.02
C SER A 91 -10.01 -9.61 6.38
N TYR A 92 -11.00 -10.48 6.41
CA TYR A 92 -11.72 -10.79 7.63
C TYR A 92 -11.30 -12.15 8.17
N LEU A 93 -11.11 -12.22 9.49
CA LEU A 93 -10.73 -13.41 10.21
C LEU A 93 -11.84 -13.82 11.15
N PRO A 94 -12.00 -15.12 11.40
CA PRO A 94 -13.07 -15.57 12.29
C PRO A 94 -12.81 -15.15 13.73
N LEU A 95 -13.88 -14.74 14.41
CA LEU A 95 -13.78 -14.34 15.81
C LEU A 95 -13.85 -15.57 16.71
N SER A 96 -12.97 -15.63 17.69
CA SER A 96 -13.00 -16.72 18.65
C SER A 96 -14.20 -16.56 19.59
N ASP A 97 -14.76 -17.70 20.00
CA ASP A 97 -15.86 -17.73 20.96
C ASP A 97 -15.37 -17.95 22.39
N SER A 98 -14.08 -17.78 22.64
CA SER A 98 -13.53 -18.10 23.94
C SER A 98 -14.00 -17.10 24.99
N PRO A 99 -14.60 -17.56 26.09
CA PRO A 99 -14.92 -16.65 27.20
C PRO A 99 -13.73 -16.35 28.09
N PHE A 100 -12.60 -17.03 27.89
CA PHE A 100 -11.40 -16.75 28.67
C PHE A 100 -10.67 -15.50 28.20
N LEU A 101 -10.89 -15.07 26.95
CA LEU A 101 -10.27 -13.86 26.46
C LEU A 101 -10.77 -12.66 27.25
N SER A 102 -9.84 -11.84 27.73
CA SER A 102 -10.20 -10.69 28.55
C SER A 102 -11.14 -9.75 27.80
N LYS A 103 -12.11 -9.19 28.52
CA LYS A 103 -13.11 -8.34 27.89
C LYS A 103 -12.62 -6.91 27.67
N GLU A 104 -11.48 -6.53 28.24
CA GLU A 104 -10.90 -5.24 27.92
C GLU A 104 -10.17 -5.24 26.58
N LEU A 105 -9.97 -6.42 25.99
CA LEU A 105 -9.46 -6.50 24.64
C LEU A 105 -10.60 -6.38 23.64
N GLY A 106 -10.27 -6.11 22.39
CA GLY A 106 -11.24 -5.77 21.38
C GLY A 106 -11.38 -6.78 20.27
N THR A 107 -11.96 -6.33 19.16
CA THR A 107 -12.29 -7.23 18.05
C THR A 107 -11.03 -7.77 17.38
N ARG A 108 -10.00 -6.93 17.24
CA ARG A 108 -8.76 -7.40 16.62
C ARG A 108 -8.16 -8.57 17.40
N HIS A 109 -8.12 -8.45 18.73
CA HIS A 109 -7.60 -9.53 19.55
C HIS A 109 -8.45 -10.78 19.41
N ARG A 110 -9.78 -10.62 19.37
CA ARG A 110 -10.66 -11.77 19.20
C ARG A 110 -10.52 -12.37 17.80
N ALA A 111 -10.26 -11.55 16.80
CA ALA A 111 -10.04 -12.07 15.45
C ALA A 111 -8.71 -12.80 15.35
N ALA A 112 -7.66 -12.25 15.99
CA ALA A 112 -6.37 -12.90 16.00
C ALA A 112 -6.42 -14.22 16.74
N LEU A 113 -7.18 -14.28 17.84
CA LEU A 113 -7.33 -15.54 18.55
C LEU A 113 -8.12 -16.55 17.73
N GLY A 114 -9.15 -16.09 17.03
CA GLY A 114 -9.97 -17.00 16.25
C GLY A 114 -9.20 -17.67 15.13
N ILE A 115 -8.35 -16.91 14.43
CA ILE A 115 -7.60 -17.50 13.32
C ILE A 115 -6.51 -18.43 13.84
N SER A 116 -5.97 -18.16 15.03
CA SER A 116 -4.94 -19.03 15.61
C SER A 116 -5.50 -20.38 16.04
N GLU A 117 -6.81 -20.47 16.23
CA GLU A 117 -7.43 -21.72 16.68
C GLU A 117 -7.66 -22.70 15.54
N VAL A 118 -7.78 -22.22 14.31
CA VAL A 118 -8.07 -23.07 13.15
C VAL A 118 -6.94 -23.06 12.12
N THR A 119 -5.89 -22.28 12.33
CA THR A 119 -4.69 -22.32 11.50
C THR A 119 -3.48 -22.32 12.42
N ASP A 120 -2.32 -22.64 11.85
CA ASP A 120 -1.06 -22.55 12.57
C ASP A 120 -0.33 -21.23 12.29
N SER A 121 -1.07 -20.21 11.90
CA SER A 121 -0.48 -18.93 11.52
C SER A 121 -0.08 -18.12 12.75
N ILE A 122 0.86 -17.20 12.55
CA ILE A 122 1.29 -16.25 13.57
C ILE A 122 0.61 -14.91 13.27
N THR A 123 -0.12 -14.38 14.24
CA THR A 123 -0.87 -13.15 14.06
C THR A 123 -0.44 -12.12 15.09
N ILE A 124 -0.20 -10.89 14.64
CA ILE A 124 0.28 -9.80 15.47
C ILE A 124 -0.80 -8.72 15.53
N VAL A 125 -1.03 -8.17 16.72
CA VAL A 125 -2.04 -7.15 16.95
C VAL A 125 -1.40 -5.94 17.60
N VAL A 126 -1.84 -4.76 17.18
CA VAL A 126 -1.53 -3.51 17.86
C VAL A 126 -2.85 -2.94 18.36
N SER A 127 -2.94 -2.70 19.66
CA SER A 127 -4.18 -2.18 20.25
C SER A 127 -4.27 -0.68 20.03
N GLU A 128 -5.41 -0.24 19.50
CA GLU A 128 -5.62 1.20 19.34
C GLU A 128 -5.99 1.88 20.64
N GLU A 129 -6.37 1.12 21.67
CA GLU A 129 -6.66 1.71 22.97
C GLU A 129 -5.39 1.93 23.78
N THR A 130 -4.47 0.97 23.78
CA THR A 130 -3.30 1.02 24.65
C THR A 130 -1.98 1.06 23.90
N GLY A 131 -1.96 0.77 22.60
CA GLY A 131 -0.71 0.67 21.88
C GLY A 131 0.09 -0.58 22.16
N GLY A 132 -0.47 -1.53 22.91
CA GLY A 132 0.26 -2.73 23.23
C GLY A 132 0.24 -3.72 22.07
N ILE A 133 1.35 -4.46 21.92
CA ILE A 133 1.51 -5.45 20.87
C ILE A 133 1.22 -6.83 21.45
N SER A 134 0.31 -7.56 20.81
CA SER A 134 -0.04 -8.91 21.23
C SER A 134 0.18 -9.87 20.08
N LEU A 135 0.25 -11.16 20.40
N LEU A 135 0.30 -11.15 20.41
CA LEU A 135 0.51 -12.18 19.39
CA LEU A 135 0.49 -12.21 19.43
C LEU A 135 -0.27 -13.45 19.75
C LEU A 135 -0.43 -13.37 19.77
N THR A 136 -0.84 -14.10 18.73
CA THR A 136 -1.62 -15.31 18.89
C THR A 136 -0.99 -16.44 18.10
N LYS A 137 -1.01 -17.64 18.68
CA LYS A 137 -0.53 -18.84 18.01
C LYS A 137 -1.18 -20.06 18.66
N GLY A 138 -1.78 -20.91 17.85
CA GLY A 138 -2.39 -22.15 18.34
C GLY A 138 -3.38 -21.96 19.46
N GLY A 139 -4.25 -20.96 19.35
CA GLY A 139 -5.25 -20.71 20.38
C GLY A 139 -4.75 -20.04 21.63
N GLU A 140 -3.49 -19.60 21.66
CA GLU A 140 -2.91 -18.95 22.82
C GLU A 140 -2.69 -17.47 22.52
N LEU A 141 -2.66 -16.67 23.59
CA LEU A 141 -2.51 -15.22 23.47
C LEU A 141 -1.31 -14.77 24.29
N PHE A 142 -0.35 -14.13 23.63
CA PHE A 142 0.76 -13.45 24.29
C PHE A 142 0.42 -11.97 24.31
N ARG A 143 -0.01 -11.47 25.46
CA ARG A 143 -0.59 -10.13 25.57
C ARG A 143 0.47 -9.12 26.01
N ASP A 144 0.54 -8.01 25.29
CA ASP A 144 1.38 -6.86 25.63
C ASP A 144 2.84 -7.27 25.81
N VAL A 145 3.40 -7.83 24.73
CA VAL A 145 4.77 -8.31 24.76
C VAL A 145 5.72 -7.14 24.54
N SER A 146 6.93 -7.28 25.08
CA SER A 146 7.97 -6.27 24.88
C SER A 146 8.61 -6.46 23.51
N GLU A 147 9.54 -5.56 23.17
CA GLU A 147 10.23 -5.68 21.90
C GLU A 147 11.15 -6.89 21.87
N GLU A 148 11.81 -7.19 22.98
CA GLU A 148 12.64 -8.38 23.05
C GLU A 148 11.79 -9.64 22.91
N GLU A 149 10.65 -9.68 23.61
CA GLU A 149 9.77 -10.84 23.51
C GLU A 149 9.23 -11.00 22.10
N LEU A 150 8.84 -9.90 21.46
CA LEU A 150 8.33 -9.95 20.09
C LEU A 150 9.41 -10.46 19.14
N HIS A 151 10.65 -9.99 19.31
CA HIS A 151 11.74 -10.43 18.44
C HIS A 151 12.02 -11.91 18.60
N LYS A 152 12.03 -12.41 19.84
CA LYS A 152 12.30 -13.82 20.07
C LYS A 152 11.22 -14.71 19.48
N ILE A 153 9.95 -14.34 19.67
CA ILE A 153 8.85 -15.15 19.17
C ILE A 153 8.86 -15.17 17.63
N LEU A 154 9.00 -13.99 17.02
CA LEU A 154 9.01 -13.93 15.56
C LEU A 154 10.21 -14.67 14.98
N LEU A 155 11.37 -14.55 15.63
CA LEU A 155 12.56 -15.25 15.15
C LEU A 155 12.36 -16.76 15.20
N LYS A 156 11.75 -17.25 16.28
CA LYS A 156 11.57 -18.70 16.42
C LYS A 156 10.51 -19.21 15.46
N GLU A 157 9.41 -18.47 15.28
CA GLU A 157 8.26 -18.97 14.56
C GLU A 157 8.30 -18.68 13.05
N LEU A 158 9.11 -17.71 12.61
CA LEU A 158 9.11 -17.32 11.20
C LEU A 158 10.37 -17.70 10.44
N VAL A 159 11.47 -17.97 11.13
CA VAL A 159 12.72 -18.38 10.48
C VAL A 159 12.83 -19.90 10.63
N THR A 160 12.53 -20.61 9.55
CA THR A 160 12.56 -22.07 9.58
C THR A 160 13.93 -22.61 9.15
N ARG B 9 -7.65 -9.35 -23.06
CA ARG B 9 -6.63 -9.78 -22.10
C ARG B 9 -5.89 -8.59 -21.51
N ILE B 10 -5.12 -7.89 -22.35
CA ILE B 10 -4.43 -6.70 -21.89
C ILE B 10 -5.38 -5.50 -21.85
N GLU B 11 -6.42 -5.50 -22.70
CA GLU B 11 -7.41 -4.43 -22.64
C GLU B 11 -8.14 -4.43 -21.31
N ARG B 12 -8.41 -5.62 -20.77
CA ARG B 12 -9.01 -5.71 -19.45
C ARG B 12 -8.14 -5.04 -18.40
N GLU B 13 -6.82 -5.22 -18.51
CA GLU B 13 -5.89 -4.57 -17.58
C GLU B 13 -5.88 -3.06 -17.80
N GLN B 14 -5.96 -2.62 -19.05
CA GLN B 14 -5.89 -1.19 -19.35
C GLN B 14 -7.13 -0.46 -18.87
N HIS B 15 -8.31 -1.07 -19.03
CA HIS B 15 -9.54 -0.44 -18.54
C HIS B 15 -9.55 -0.38 -17.01
N HIS B 16 -9.08 -1.45 -16.35
CA HIS B 16 -9.01 -1.43 -14.89
C HIS B 16 -8.00 -0.39 -14.41
N LEU B 17 -6.88 -0.25 -15.11
CA LEU B 17 -5.89 0.78 -14.75
C LEU B 17 -6.50 2.17 -14.86
N ILE B 18 -7.18 2.44 -15.98
CA ILE B 18 -7.81 3.75 -16.17
C ILE B 18 -8.82 4.01 -15.06
N GLU B 19 -9.67 3.02 -14.78
CA GLU B 19 -10.69 3.20 -13.74
C GLU B 19 -10.05 3.36 -12.36
N SER B 20 -8.97 2.63 -12.11
CA SER B 20 -8.28 2.77 -10.82
C SER B 20 -7.69 4.16 -10.66
N ILE B 21 -7.14 4.72 -11.75
CA ILE B 21 -6.63 6.08 -11.71
C ILE B 21 -7.76 7.08 -11.50
N GLU B 22 -8.87 6.90 -12.21
CA GLU B 22 -9.97 7.84 -12.13
C GLU B 22 -10.56 7.90 -10.73
N LYS B 23 -10.85 6.74 -10.13
CA LYS B 23 -11.52 6.73 -8.83
C LYS B 23 -10.61 7.19 -7.71
N SER B 24 -9.30 6.92 -7.80
CA SER B 24 -8.38 7.35 -6.77
C SER B 24 -8.14 8.86 -6.83
N THR B 25 -7.88 9.38 -8.04
CA THR B 25 -7.65 10.82 -8.17
C THR B 25 -8.92 11.61 -7.87
N GLN B 26 -10.08 11.05 -8.18
CA GLN B 26 -11.34 11.69 -7.80
C GLN B 26 -11.48 11.74 -6.28
N TYR B 27 -11.10 10.66 -5.60
CA TYR B 27 -11.14 10.65 -4.14
C TYR B 27 -10.22 11.72 -3.55
N MET B 28 -9.00 11.81 -4.08
CA MET B 28 -8.01 12.72 -3.53
C MET B 28 -8.28 14.17 -3.93
N ALA B 29 -8.90 14.38 -5.09
CA ALA B 29 -9.21 15.75 -5.52
C ALA B 29 -10.22 16.39 -4.58
N LYS B 30 -11.20 15.63 -4.10
CA LYS B 30 -12.19 16.18 -3.18
C LYS B 30 -11.55 16.60 -1.87
N ARG B 31 -10.46 15.95 -1.47
CA ARG B 31 -9.85 16.17 -0.17
C ARG B 31 -8.54 16.95 -0.25
N ARG B 32 -8.23 17.52 -1.41
CA ARG B 32 -6.99 18.29 -1.63
C ARG B 32 -5.77 17.48 -1.24
N ILE B 33 -5.78 16.19 -1.57
CA ILE B 33 -4.66 15.30 -1.29
C ILE B 33 -3.75 15.30 -2.52
N GLY B 34 -2.53 15.81 -2.34
CA GLY B 34 -1.58 15.82 -3.45
C GLY B 34 -1.21 14.41 -3.87
N ALA B 35 -1.06 14.22 -5.17
CA ALA B 35 -0.76 12.90 -5.70
C ALA B 35 0.05 13.04 -6.99
N LEU B 36 0.81 12.00 -7.30
CA LEU B 36 1.68 11.99 -8.47
C LEU B 36 1.78 10.56 -8.96
N ILE B 37 1.16 10.27 -10.11
CA ILE B 37 1.08 8.92 -10.65
C ILE B 37 1.63 8.94 -12.08
N SER B 38 2.70 8.20 -12.32
CA SER B 38 3.34 8.12 -13.63
C SER B 38 3.15 6.72 -14.19
N VAL B 39 2.58 6.62 -15.37
CA VAL B 39 2.31 5.35 -16.04
C VAL B 39 3.32 5.17 -17.15
N ALA B 40 4.16 4.14 -17.01
CA ALA B 40 5.20 3.88 -18.00
C ALA B 40 4.60 3.33 -19.29
N ARG B 41 5.26 3.63 -20.41
CA ARG B 41 4.85 3.08 -21.70
C ARG B 41 6.04 2.42 -22.40
N ASP B 42 6.36 2.88 -23.62
CA ASP B 42 7.41 2.23 -24.39
C ASP B 42 8.80 2.50 -23.83
N THR B 43 9.01 3.68 -23.26
CA THR B 43 10.36 4.08 -22.85
C THR B 43 10.89 3.18 -21.74
N GLY B 44 10.10 2.93 -20.71
CA GLY B 44 10.58 2.18 -19.58
C GLY B 44 11.34 3.06 -18.61
N MET B 45 10.97 3.01 -17.33
CA MET B 45 11.54 3.91 -16.33
C MET B 45 12.18 3.12 -15.19
N ASP B 46 13.06 2.17 -15.53
CA ASP B 46 13.65 1.31 -14.51
C ASP B 46 14.51 2.10 -13.54
N ASP B 47 15.14 3.19 -13.99
CA ASP B 47 16.04 3.95 -13.13
C ASP B 47 15.28 4.72 -12.05
N TYR B 48 14.07 5.17 -12.35
CA TYR B 48 13.28 5.93 -11.39
C TYR B 48 12.49 5.05 -10.44
N ILE B 49 12.22 3.80 -10.82
CA ILE B 49 11.54 2.88 -9.93
C ILE B 49 12.43 2.50 -8.75
N GLU B 50 13.72 2.27 -9.01
CA GLU B 50 14.66 1.92 -7.95
C GLU B 50 14.86 3.07 -6.96
N THR B 51 14.53 4.30 -7.35
CA THR B 51 14.66 5.42 -6.43
C THR B 51 13.64 5.39 -5.30
N GLY B 52 12.53 4.70 -5.50
CA GLY B 52 11.44 4.68 -4.53
C GLY B 52 11.40 3.39 -3.74
N ILE B 53 10.26 3.17 -3.08
CA ILE B 53 10.04 1.98 -2.26
C ILE B 53 9.33 0.95 -3.12
N PRO B 54 9.89 -0.24 -3.32
CA PRO B 54 9.29 -1.21 -4.23
C PRO B 54 8.02 -1.82 -3.67
N LEU B 55 7.01 -1.91 -4.51
CA LEU B 55 5.75 -2.55 -4.16
C LEU B 55 5.45 -3.76 -5.02
N ASN B 56 5.55 -3.64 -6.34
CA ASN B 56 5.20 -4.72 -7.27
C ASN B 56 3.80 -5.25 -6.97
N ALA B 57 2.88 -4.33 -6.72
CA ALA B 57 1.55 -4.65 -6.20
C ALA B 57 0.51 -4.59 -7.30
N LYS B 58 -0.60 -5.28 -7.05
CA LYS B 58 -1.73 -5.22 -7.98
C LYS B 58 -2.35 -3.82 -7.97
N ILE B 59 -2.81 -3.39 -9.14
CA ILE B 59 -3.40 -2.07 -9.27
C ILE B 59 -4.81 -2.07 -8.71
N SER B 60 -5.10 -1.11 -7.85
CA SER B 60 -6.44 -0.90 -7.33
C SER B 60 -6.57 0.56 -6.91
N SER B 61 -7.80 1.07 -6.93
CA SER B 61 -8.03 2.42 -6.45
C SER B 61 -7.82 2.51 -4.95
N GLN B 62 -8.08 1.43 -4.22
CA GLN B 62 -7.89 1.43 -2.77
C GLN B 62 -6.42 1.62 -2.41
N LEU B 63 -5.53 0.89 -3.08
CA LEU B 63 -4.11 0.98 -2.76
C LEU B 63 -3.54 2.33 -3.15
N LEU B 64 -3.95 2.86 -4.31
CA LEU B 64 -3.48 4.19 -4.72
C LEU B 64 -3.86 5.24 -3.71
N ILE B 65 -5.07 5.15 -3.14
CA ILE B 65 -5.50 6.13 -2.14
C ILE B 65 -4.65 6.02 -0.88
N ASN B 66 -4.43 4.79 -0.40
CA ASN B 66 -3.69 4.59 0.85
C ASN B 66 -2.25 5.06 0.73
N ILE B 67 -1.70 5.08 -0.49
CA ILE B 67 -0.31 5.47 -0.67
C ILE B 67 -0.14 6.97 -0.41
N PHE B 68 -1.07 7.78 -0.91
CA PHE B 68 -0.91 9.23 -0.93
C PHE B 68 -1.51 9.93 0.29
N ILE B 69 -1.92 9.19 1.31
CA ILE B 69 -2.40 9.85 2.53
C ILE B 69 -1.27 10.71 3.10
N PRO B 70 -1.52 11.98 3.43
CA PRO B 70 -0.43 12.86 3.84
C PRO B 70 0.23 12.38 5.13
N ASN B 71 1.53 12.73 5.26
CA ASN B 71 2.32 12.43 6.45
C ASN B 71 2.44 10.94 6.71
N THR B 72 2.47 10.14 5.64
CA THR B 72 2.69 8.71 5.70
C THR B 72 3.96 8.35 4.95
N PRO B 73 4.55 7.18 5.21
CA PRO B 73 5.83 6.84 4.55
C PRO B 73 5.79 6.87 3.04
N LEU B 74 4.69 6.46 2.41
CA LEU B 74 4.66 6.27 0.96
C LEU B 74 4.16 7.49 0.20
N HIS B 75 3.84 8.60 0.87
CA HIS B 75 3.15 9.70 0.22
C HIS B 75 4.08 10.66 -0.51
N ASP B 76 5.29 10.87 -0.03
CA ASP B 76 6.16 11.93 -0.53
C ASP B 76 6.97 11.39 -1.70
N GLY B 77 6.43 11.56 -2.90
CA GLY B 77 7.08 11.08 -4.10
C GLY B 77 6.06 10.65 -5.14
N ALA B 78 6.57 9.96 -6.15
CA ALA B 78 5.75 9.53 -7.28
C ALA B 78 5.46 8.03 -7.19
N VAL B 79 4.26 7.66 -7.61
CA VAL B 79 3.93 6.26 -7.87
C VAL B 79 4.19 5.97 -9.35
N ILE B 80 4.92 4.89 -9.62
CA ILE B 80 5.24 4.49 -10.98
C ILE B 80 4.50 3.20 -11.27
N ILE B 81 3.64 3.22 -12.28
CA ILE B 81 2.89 2.05 -12.72
C ILE B 81 3.56 1.53 -13.98
N LYS B 82 4.02 0.28 -13.93
CA LYS B 82 4.73 -0.34 -15.04
C LYS B 82 4.07 -1.68 -15.34
N GLY B 83 3.64 -1.85 -16.59
CA GLY B 83 2.89 -3.04 -16.93
C GLY B 83 1.52 -3.02 -16.27
N ASN B 84 1.21 -4.08 -15.53
CA ASN B 84 -0.03 -4.17 -14.77
C ASN B 84 0.24 -4.23 -13.27
N GLU B 85 1.25 -3.49 -12.82
CA GLU B 85 1.64 -3.47 -11.41
C GLU B 85 1.94 -2.04 -11.00
N ILE B 86 1.72 -1.76 -9.71
CA ILE B 86 2.26 -0.57 -9.08
C ILE B 86 3.69 -0.90 -8.69
N ALA B 87 4.64 -0.48 -9.53
CA ALA B 87 6.03 -0.88 -9.35
C ALA B 87 6.61 -0.30 -8.07
N SER B 88 6.44 1.00 -7.85
CA SER B 88 7.05 1.65 -6.71
C SER B 88 6.21 2.83 -6.27
N ALA B 89 6.49 3.30 -5.05
CA ALA B 89 5.94 4.54 -4.52
C ALA B 89 7.09 5.35 -3.92
N ALA B 90 6.82 6.63 -3.68
CA ALA B 90 7.82 7.58 -3.16
C ALA B 90 9.04 7.64 -4.07
N SER B 91 8.83 7.48 -5.37
CA SER B 91 9.92 7.56 -6.33
C SER B 91 10.21 9.00 -6.70
N TYR B 92 11.48 9.27 -7.00
CA TYR B 92 11.90 10.61 -7.42
C TYR B 92 11.82 10.73 -8.93
N LEU B 93 11.29 11.85 -9.40
CA LEU B 93 11.22 12.18 -10.80
C LEU B 93 12.06 13.41 -11.10
N PRO B 94 12.63 13.51 -12.29
CA PRO B 94 13.42 14.70 -12.63
C PRO B 94 12.54 15.96 -12.65
N LEU B 95 13.09 17.05 -12.16
CA LEU B 95 12.38 18.32 -12.09
C LEU B 95 12.65 19.13 -13.36
N SER B 96 11.60 19.49 -14.07
CA SER B 96 11.75 20.28 -15.28
C SER B 96 12.14 21.72 -14.94
N ASP B 97 13.00 22.30 -15.76
CA ASP B 97 13.39 23.70 -15.59
C ASP B 97 12.52 24.65 -16.40
N SER B 98 11.31 24.22 -16.77
CA SER B 98 10.48 25.01 -17.66
C SER B 98 10.07 26.31 -17.00
N PRO B 99 10.30 27.46 -17.64
CA PRO B 99 9.82 28.73 -17.09
C PRO B 99 8.37 29.06 -17.44
N PHE B 100 7.71 28.23 -18.24
CA PHE B 100 6.32 28.44 -18.61
C PHE B 100 5.34 27.79 -17.64
N LEU B 101 5.83 26.96 -16.72
CA LEU B 101 4.98 26.41 -15.68
C LEU B 101 4.53 27.52 -14.75
N SER B 102 3.21 27.62 -14.53
CA SER B 102 2.68 28.70 -13.71
C SER B 102 3.28 28.63 -12.30
N LYS B 103 3.57 29.80 -11.74
CA LYS B 103 4.22 29.89 -10.45
C LYS B 103 3.41 29.22 -9.33
N GLU B 104 2.10 29.12 -9.50
CA GLU B 104 1.24 28.55 -8.46
C GLU B 104 1.25 27.03 -8.44
N LEU B 105 1.97 26.38 -9.35
CA LEU B 105 2.07 24.93 -9.32
C LEU B 105 3.19 24.48 -8.37
N GLY B 106 3.10 23.23 -7.94
CA GLY B 106 4.01 22.70 -6.95
C GLY B 106 5.12 21.86 -7.56
N THR B 107 5.93 21.29 -6.65
CA THR B 107 7.03 20.43 -7.08
C THR B 107 6.52 19.17 -7.78
N ARG B 108 5.32 18.71 -7.43
CA ARG B 108 4.72 17.57 -8.12
C ARG B 108 4.58 17.85 -9.61
N HIS B 109 3.95 18.98 -9.96
CA HIS B 109 3.75 19.30 -11.37
C HIS B 109 5.07 19.44 -12.10
N ARG B 110 6.06 20.04 -11.45
CA ARG B 110 7.36 20.19 -12.07
C ARG B 110 8.06 18.84 -12.24
N ALA B 111 7.81 17.89 -11.33
CA ALA B 111 8.37 16.56 -11.50
C ALA B 111 7.60 15.78 -12.56
N ALA B 112 6.27 15.99 -12.64
CA ALA B 112 5.48 15.34 -13.68
C ALA B 112 5.89 15.83 -15.06
N LEU B 113 6.18 17.13 -15.18
CA LEU B 113 6.64 17.67 -16.46
C LEU B 113 8.04 17.15 -16.79
N GLY B 114 8.89 17.00 -15.78
CA GLY B 114 10.25 16.55 -16.02
C GLY B 114 10.31 15.14 -16.58
N ILE B 115 9.49 14.24 -16.03
CA ILE B 115 9.51 12.87 -16.53
C ILE B 115 8.90 12.79 -17.94
N SER B 116 7.97 13.69 -18.26
CA SER B 116 7.38 13.69 -19.60
C SER B 116 8.35 14.18 -20.66
N GLU B 117 9.38 14.91 -20.26
CA GLU B 117 10.35 15.43 -21.22
C GLU B 117 11.38 14.40 -21.66
N VAL B 118 11.56 13.34 -20.88
CA VAL B 118 12.55 12.30 -21.17
C VAL B 118 11.95 10.92 -21.34
N THR B 119 10.64 10.77 -21.12
CA THR B 119 9.94 9.52 -21.37
C THR B 119 8.65 9.81 -22.13
N ASP B 120 8.08 8.75 -22.71
CA ASP B 120 6.76 8.83 -23.32
C ASP B 120 5.66 8.45 -22.33
N SER B 121 5.94 8.53 -21.04
CA SER B 121 4.99 8.14 -20.02
C SER B 121 3.85 9.16 -19.92
N ILE B 122 2.73 8.69 -19.37
CA ILE B 122 1.60 9.56 -19.04
C ILE B 122 1.56 9.70 -17.52
N THR B 123 1.57 10.95 -17.06
CA THR B 123 1.62 11.23 -15.63
C THR B 123 0.41 12.05 -15.22
N ILE B 124 -0.17 11.70 -14.07
CA ILE B 124 -1.36 12.36 -13.54
C ILE B 124 -0.98 13.03 -12.23
N VAL B 125 -1.47 14.24 -12.01
CA VAL B 125 -1.15 15.03 -10.83
C VAL B 125 -2.45 15.52 -10.19
N VAL B 126 -2.51 15.42 -8.87
CA VAL B 126 -3.57 16.03 -8.07
C VAL B 126 -2.94 17.11 -7.22
N SER B 127 -3.46 18.33 -7.31
CA SER B 127 -2.90 19.45 -6.58
C SER B 127 -3.36 19.43 -5.11
N GLU B 128 -2.40 19.47 -4.19
CA GLU B 128 -2.73 19.60 -2.78
C GLU B 128 -3.23 20.99 -2.42
N GLU B 129 -3.21 21.93 -3.37
CA GLU B 129 -3.69 23.29 -3.16
C GLU B 129 -5.15 23.45 -3.57
N THR B 130 -5.48 23.04 -4.80
CA THR B 130 -6.81 23.25 -5.36
C THR B 130 -7.59 21.97 -5.58
N GLY B 131 -6.96 20.80 -5.51
CA GLY B 131 -7.60 19.58 -5.92
C GLY B 131 -7.70 19.38 -7.41
N GLY B 132 -7.21 20.34 -8.21
CA GLY B 132 -7.28 20.19 -9.64
C GLY B 132 -6.38 19.06 -10.13
N ILE B 133 -6.83 18.39 -11.17
CA ILE B 133 -6.13 17.25 -11.76
C ILE B 133 -5.44 17.70 -13.04
N SER B 134 -4.16 17.36 -13.17
CA SER B 134 -3.37 17.76 -14.32
C SER B 134 -2.73 16.54 -14.96
N LEU B 135 -2.36 16.69 -16.23
CA LEU B 135 -1.72 15.64 -17.00
C LEU B 135 -0.49 16.21 -17.68
N THR B 136 0.56 15.39 -17.78
CA THR B 136 1.75 15.75 -18.53
C THR B 136 2.07 14.67 -19.54
N LYS B 137 2.60 15.10 -20.70
CA LYS B 137 2.97 14.20 -21.78
C LYS B 137 3.84 14.93 -22.80
N GLY B 138 4.94 14.31 -23.22
CA GLY B 138 5.78 14.88 -24.25
C GLY B 138 6.33 16.26 -23.93
N GLY B 139 6.56 16.54 -22.65
CA GLY B 139 7.10 17.83 -22.25
C GLY B 139 6.07 18.93 -22.11
N GLU B 140 4.78 18.62 -22.14
CA GLU B 140 3.72 19.61 -22.03
C GLU B 140 2.78 19.20 -20.91
N LEU B 141 2.08 20.20 -20.35
CA LEU B 141 1.15 19.99 -19.25
C LEU B 141 -0.24 20.48 -19.63
N PHE B 142 -1.24 19.66 -19.33
CA PHE B 142 -2.65 20.00 -19.50
C PHE B 142 -3.22 20.17 -18.09
N ARG B 143 -3.56 21.41 -17.73
CA ARG B 143 -3.87 21.77 -16.35
C ARG B 143 -5.37 21.74 -16.08
N ASP B 144 -5.73 21.19 -14.92
CA ASP B 144 -7.08 21.29 -14.36
C ASP B 144 -8.12 20.70 -15.32
N VAL B 145 -7.93 19.43 -15.65
CA VAL B 145 -8.81 18.74 -16.59
C VAL B 145 -10.08 18.30 -15.88
N SER B 146 -11.17 18.25 -16.63
CA SER B 146 -12.43 17.73 -16.11
C SER B 146 -12.39 16.20 -16.13
N GLU B 147 -13.43 15.60 -15.54
CA GLU B 147 -13.50 14.14 -15.52
C GLU B 147 -13.64 13.55 -16.91
N GLU B 148 -14.43 14.21 -17.77
CA GLU B 148 -14.54 13.77 -19.15
C GLU B 148 -13.19 13.87 -19.87
N GLU B 149 -12.51 15.01 -19.72
CA GLU B 149 -11.22 15.20 -20.38
C GLU B 149 -10.19 14.20 -19.86
N LEU B 150 -10.22 13.91 -18.56
CA LEU B 150 -9.31 12.91 -18.01
C LEU B 150 -9.58 11.53 -18.61
N HIS B 151 -10.86 11.16 -18.70
CA HIS B 151 -11.21 9.84 -19.21
C HIS B 151 -10.84 9.70 -20.69
N LYS B 152 -11.14 10.73 -21.48
CA LYS B 152 -10.85 10.67 -22.91
C LYS B 152 -9.35 10.52 -23.17
N ILE B 153 -8.53 11.29 -22.46
CA ILE B 153 -7.09 11.26 -22.71
C ILE B 153 -6.49 9.95 -22.21
N LEU B 154 -6.88 9.51 -21.01
CA LEU B 154 -6.39 8.23 -20.50
C LEU B 154 -6.78 7.08 -21.42
N LEU B 155 -7.97 7.14 -22.01
CA LEU B 155 -8.40 6.09 -22.94
C LEU B 155 -7.58 6.12 -24.22
N LYS B 156 -7.27 7.32 -24.72
CA LYS B 156 -6.52 7.44 -25.96
C LYS B 156 -5.06 6.98 -25.78
N GLU B 157 -4.45 7.30 -24.65
CA GLU B 157 -3.03 7.05 -24.46
C GLU B 157 -2.72 5.70 -23.84
N LEU B 158 -3.65 5.09 -23.12
CA LEU B 158 -3.37 3.84 -22.41
C LEU B 158 -4.04 2.62 -23.00
N VAL B 159 -5.06 2.77 -23.83
CA VAL B 159 -5.72 1.66 -24.49
C VAL B 159 -5.20 1.58 -25.93
N THR B 160 -4.53 0.46 -26.24
CA THR B 160 -3.82 0.37 -27.52
C THR B 160 -4.79 0.23 -28.69
N VAL B 161 -5.87 -0.52 -28.52
CA VAL B 161 -6.81 -0.74 -29.62
C VAL B 161 -7.53 0.54 -30.02
N THR B 162 -7.61 1.52 -29.12
CA THR B 162 -8.28 2.79 -29.39
C THR B 162 -7.66 3.51 -30.57
#